data_4ZEK
#
_entry.id   4ZEK
#
_cell.length_a   77.170
_cell.length_b   114.060
_cell.length_c   112.530
_cell.angle_alpha   90.00
_cell.angle_beta   90.00
_cell.angle_gamma   90.00
#
_symmetry.space_group_name_H-M   'C 2 2 21'
#
loop_
_entity.id
_entity.type
_entity.pdbx_description
1 polymer 'ABC TRANSPORTER, SUBSTRATE BINDING PROTEIN (AGROCINOPINES A AND B)'
2 non-polymer 2-O-[(R)-hydroxy(propan-2-yloxy)phosphoryl]-alpha-L-arabinopyranose
3 non-polymer 1,2-ETHANEDIOL
4 non-polymer 2-[2-(2-METHOXY-ETHOXY)-ETHOXY]-ETHOXYL
5 non-polymer DI(HYDROXYETHYL)ETHER
6 water water
#
_entity_poly.entity_id   1
_entity_poly.type   'polypeptide(L)'
_entity_poly.pdbx_seq_one_letter_code
;MQERRALRLGVNGLPNSLEPVNAISNVGPRIVNQIFDTLIARDFFAKGAPGNAIDLVPALAESWERIDEKSVRFKLRQKV
MFHDGVELTADDVAYTFSSERLWGPEAIKKIPLGKSYSLDFDEPVVEDKYTVTLRTKTPSYLIETFVASWMSRIVPKEYY
KKLGAVDFGNKPVGTGPYKFVEFVAGDRVVLEANDAYWGPKPTASKITYQIVAEPATRVAGLISGEYDIITTLTPDDIQL
INSYPDLETRGTLIENFHMFTFNMNQEVFKDKKLRRALALAVNRPIMVEALWKKQASIPAGFNFPNYGETFDPKRKAMEY
NVEEAKRLVKESGYDGTPITYHTMGNYYANAMPALMMMIEMWKQIGVNVVMKTYAPGSFPPDNQTWMRNWSNGQWMTDAY
ATIVPEFGPNGQVQKRWGWKAPAEFNELCQKVTVLPNGKERFDAYNRMRDIFEEEAPAVILYQPYDVYAARKDVHWKPVS
FEMMEFRNNLSFGHHHHHH
;
_entity_poly.pdbx_strand_id   A
#
# COMPACT_ATOMS: atom_id res chain seq x y z
N ARG A 4 31.76 -3.66 2.78
CA ARG A 4 30.38 -3.89 2.37
C ARG A 4 30.15 -3.39 0.96
N ARG A 5 29.31 -4.11 0.19
CA ARG A 5 28.93 -3.76 -1.18
C ARG A 5 27.84 -2.70 -1.18
N ALA A 6 27.73 -1.94 -2.27
CA ALA A 6 26.69 -0.93 -2.50
C ALA A 6 25.54 -1.63 -3.23
N LEU A 7 24.33 -1.56 -2.68
CA LEU A 7 23.16 -2.24 -3.26
C LEU A 7 22.52 -1.41 -4.39
N ARG A 8 22.36 -2.04 -5.55
CA ARG A 8 21.81 -1.39 -6.74
C ARG A 8 20.46 -2.01 -7.05
N LEU A 9 19.40 -1.19 -6.96
CA LEU A 9 18.02 -1.64 -7.22
C LEU A 9 17.41 -0.98 -8.44
N GLY A 10 16.87 -1.81 -9.32
CA GLY A 10 16.16 -1.37 -10.51
C GLY A 10 14.69 -1.44 -10.18
N VAL A 11 14.07 -0.29 -9.90
CA VAL A 11 12.67 -0.22 -9.49
C VAL A 11 11.70 0.25 -10.59
N ASN A 12 10.39 -0.06 -10.42
CA ASN A 12 9.31 0.33 -11.34
C ASN A 12 9.02 1.82 -11.20
N GLY A 13 9.19 2.36 -10.00
CA GLY A 13 8.92 3.75 -9.71
C GLY A 13 9.48 4.28 -8.41
N LEU A 14 9.27 5.59 -8.19
CA LEU A 14 9.70 6.30 -6.99
C LEU A 14 8.53 7.10 -6.42
N PRO A 15 8.40 7.26 -5.09
CA PRO A 15 7.31 8.10 -4.56
C PRO A 15 7.60 9.58 -4.82
N ASN A 16 6.58 10.43 -4.71
CA ASN A 16 6.66 11.88 -4.90
C ASN A 16 7.46 12.52 -3.76
N SER A 17 7.45 11.84 -2.60
CA SER A 17 8.05 12.36 -1.37
C SER A 17 8.56 11.21 -0.51
N LEU A 18 9.51 11.53 0.37
CA LEU A 18 10.07 10.60 1.33
C LEU A 18 9.48 10.80 2.72
N GLU A 19 8.48 11.71 2.83
CA GLU A 19 7.71 11.93 4.05
C GLU A 19 6.96 10.59 4.18
N PRO A 20 7.08 9.87 5.33
CA PRO A 20 6.52 8.50 5.40
C PRO A 20 5.06 8.25 5.09
N VAL A 21 4.14 9.14 5.51
CA VAL A 21 2.72 8.95 5.17
C VAL A 21 2.49 9.27 3.67
N ASN A 22 3.11 10.37 3.16
CA ASN A 22 3.00 10.78 1.76
C ASN A 22 3.68 9.80 0.80
N ALA A 23 4.53 8.90 1.34
CA ALA A 23 5.23 7.86 0.59
C ALA A 23 4.38 6.58 0.49
N ILE A 24 3.17 6.53 1.11
CA ILE A 24 2.30 5.34 1.02
C ILE A 24 1.85 5.09 -0.44
N SER A 25 2.46 4.06 -1.03
CA SER A 25 2.25 3.64 -2.41
C SER A 25 2.90 2.26 -2.56
N ASN A 26 3.03 1.75 -3.79
CA ASN A 26 3.69 0.46 -4.02
C ASN A 26 5.21 0.66 -4.02
N VAL A 27 5.64 1.91 -4.29
CA VAL A 27 7.04 2.32 -4.50
C VAL A 27 7.77 3.01 -3.34
N GLY A 28 7.02 3.65 -2.46
CA GLY A 28 7.56 4.38 -1.32
C GLY A 28 7.99 3.53 -0.12
N PRO A 29 7.12 2.62 0.41
CA PRO A 29 7.51 1.80 1.59
C PRO A 29 8.86 1.09 1.51
N ARG A 30 9.31 0.67 0.32
CA ARG A 30 10.58 -0.02 0.15
C ARG A 30 11.80 0.84 0.44
N ILE A 31 11.59 2.19 0.44
CA ILE A 31 12.60 3.20 0.75
C ILE A 31 12.40 3.66 2.20
N VAL A 32 11.20 4.18 2.56
CA VAL A 32 10.89 4.68 3.91
C VAL A 32 11.10 3.65 5.04
N ASN A 33 10.99 2.34 4.72
CA ASN A 33 11.25 1.25 5.65
C ASN A 33 12.75 1.23 6.03
N GLN A 34 13.60 1.81 5.18
CA GLN A 34 15.04 1.88 5.46
C GLN A 34 15.39 3.10 6.28
N ILE A 35 14.69 4.23 6.04
CA ILE A 35 14.96 5.50 6.73
C ILE A 35 14.34 5.55 8.15
N PHE A 36 13.14 4.95 8.30
CA PHE A 36 12.40 5.03 9.55
C PHE A 36 12.15 3.71 10.28
N ASP A 37 11.60 3.82 11.48
CA ASP A 37 11.16 2.72 12.32
C ASP A 37 9.74 3.00 12.84
N THR A 38 9.04 1.95 13.28
CA THR A 38 7.72 2.04 13.89
C THR A 38 7.88 1.68 15.37
N LEU A 39 6.84 1.89 16.21
CA LEU A 39 6.89 1.52 17.65
C LEU A 39 6.89 0.00 17.74
N ILE A 40 5.99 -0.63 16.95
CA ILE A 40 5.85 -2.07 16.83
C ILE A 40 6.19 -2.40 15.37
N ALA A 41 6.97 -3.46 15.16
CA ALA A 41 7.33 -3.90 13.82
C ALA A 41 6.81 -5.32 13.62
N ARG A 42 6.73 -5.74 12.35
CA ARG A 42 6.28 -7.08 12.03
C ARG A 42 7.47 -7.95 11.68
N ASP A 43 7.52 -9.15 12.26
CA ASP A 43 8.56 -10.13 11.94
C ASP A 43 7.94 -11.12 10.97
N PHE A 44 8.17 -10.88 9.67
CA PHE A 44 7.69 -11.70 8.57
C PHE A 44 8.38 -13.06 8.50
N PHE A 45 9.55 -13.19 9.17
CA PHE A 45 10.36 -14.42 9.14
C PHE A 45 10.27 -15.26 10.41
N ALA A 46 9.34 -14.93 11.32
CA ALA A 46 9.13 -15.66 12.58
C ALA A 46 8.71 -17.12 12.32
N LYS A 47 9.20 -18.05 13.18
CA LYS A 47 8.91 -19.49 13.15
C LYS A 47 9.08 -20.14 11.77
N GLY A 48 10.20 -19.83 11.11
CA GLY A 48 10.57 -20.34 9.79
C GLY A 48 9.62 -20.02 8.66
N ALA A 49 8.82 -18.96 8.79
CA ALA A 49 7.86 -18.53 7.77
C ALA A 49 8.55 -17.91 6.55
N PRO A 50 8.04 -18.16 5.32
CA PRO A 50 8.70 -17.59 4.13
C PRO A 50 8.32 -16.13 3.82
N GLY A 51 8.60 -15.24 4.77
CA GLY A 51 8.32 -13.82 4.65
C GLY A 51 6.85 -13.45 4.76
N ASN A 52 6.05 -14.29 5.43
CA ASN A 52 4.61 -14.08 5.56
C ASN A 52 4.07 -14.16 6.99
N ALA A 53 4.97 -14.29 8.00
CA ALA A 53 4.58 -14.38 9.41
C ALA A 53 3.87 -13.11 9.85
N ILE A 54 2.75 -13.28 10.57
CA ILE A 54 1.88 -12.22 11.09
C ILE A 54 2.34 -11.64 12.44
N ASP A 55 3.44 -12.20 12.98
CA ASP A 55 4.03 -11.86 14.28
C ASP A 55 4.48 -10.41 14.41
N LEU A 56 3.97 -9.74 15.46
CA LEU A 56 4.29 -8.36 15.79
C LEU A 56 5.30 -8.39 16.94
N VAL A 57 6.41 -7.68 16.77
CA VAL A 57 7.54 -7.62 17.72
C VAL A 57 7.84 -6.19 18.18
N PRO A 58 8.49 -6.00 19.36
CA PRO A 58 8.87 -4.64 19.77
C PRO A 58 9.91 -4.02 18.83
N ALA A 59 9.83 -2.70 18.63
CA ALA A 59 10.79 -1.98 17.80
C ALA A 59 11.20 -0.71 18.56
N LEU A 60 10.66 0.47 18.22
CA LEU A 60 10.99 1.70 18.97
C LEU A 60 10.38 1.69 20.38
N ALA A 61 9.26 0.97 20.55
CA ALA A 61 8.62 0.73 21.84
C ALA A 61 9.14 -0.64 22.29
N GLU A 62 9.79 -0.71 23.47
CA GLU A 62 10.29 -1.97 24.03
C GLU A 62 9.13 -2.83 24.52
N SER A 63 8.04 -2.17 24.96
CA SER A 63 6.81 -2.78 25.47
C SER A 63 5.66 -1.80 25.36
N TRP A 64 4.44 -2.31 25.43
CA TRP A 64 3.23 -1.51 25.37
C TRP A 64 2.11 -2.20 26.13
N GLU A 65 1.09 -1.44 26.51
CA GLU A 65 -0.07 -1.94 27.26
C GLU A 65 -1.33 -1.13 27.00
N ARG A 66 -2.38 -1.81 26.54
CA ARG A 66 -3.67 -1.18 26.33
C ARG A 66 -4.26 -0.91 27.73
N ILE A 67 -4.50 0.37 28.02
CA ILE A 67 -5.03 0.84 29.31
C ILE A 67 -6.55 0.61 29.35
N ASP A 68 -7.26 1.00 28.27
CA ASP A 68 -8.71 0.88 28.14
C ASP A 68 -9.09 0.78 26.64
N GLU A 69 -10.38 0.92 26.31
CA GLU A 69 -10.94 0.86 24.94
C GLU A 69 -10.46 1.95 23.95
N LYS A 70 -9.75 2.98 24.43
CA LYS A 70 -9.31 4.06 23.58
C LYS A 70 -7.87 4.52 23.81
N SER A 71 -7.07 3.78 24.59
CA SER A 71 -5.70 4.19 24.90
C SER A 71 -4.70 3.06 25.13
N VAL A 72 -3.49 3.23 24.55
CA VAL A 72 -2.37 2.30 24.66
C VAL A 72 -1.12 3.11 25.07
N ARG A 73 -0.49 2.71 26.20
CA ARG A 73 0.73 3.30 26.75
C ARG A 73 1.93 2.56 26.16
N PHE A 74 2.91 3.31 25.64
CA PHE A 74 4.12 2.76 25.04
C PHE A 74 5.35 3.11 25.86
N LYS A 75 6.17 2.10 26.21
CA LYS A 75 7.43 2.27 26.92
C LYS A 75 8.49 2.24 25.82
N LEU A 76 9.13 3.39 25.58
CA LEU A 76 10.09 3.58 24.49
C LEU A 76 11.50 3.10 24.76
N ARG A 77 12.15 2.57 23.70
CA ARG A 77 13.55 2.14 23.70
C ARG A 77 14.39 3.38 23.97
N GLN A 78 15.33 3.28 24.90
CA GLN A 78 16.17 4.40 25.31
C GLN A 78 17.44 4.55 24.48
N LYS A 79 17.92 5.81 24.35
CA LYS A 79 19.14 6.21 23.64
C LYS A 79 19.13 5.92 22.10
N VAL A 80 17.92 5.84 21.51
CA VAL A 80 17.72 5.64 20.06
C VAL A 80 18.00 7.01 19.46
N MET A 81 18.93 7.03 18.51
CA MET A 81 19.35 8.27 17.85
CA MET A 81 19.37 8.25 17.84
C MET A 81 18.80 8.36 16.43
N PHE A 82 18.38 9.59 16.05
CA PHE A 82 17.90 9.92 14.71
C PHE A 82 19.19 10.09 13.93
N HIS A 83 19.11 10.18 12.60
CA HIS A 83 20.29 10.28 11.73
C HIS A 83 21.22 11.47 11.98
N ASP A 84 20.66 12.59 12.47
CA ASP A 84 21.41 13.82 12.80
C ASP A 84 22.00 13.85 14.22
N GLY A 85 21.76 12.79 14.99
CA GLY A 85 22.29 12.69 16.35
C GLY A 85 21.32 13.09 17.45
N VAL A 86 20.11 13.55 17.08
CA VAL A 86 19.06 13.94 18.04
C VAL A 86 18.47 12.63 18.61
N GLU A 87 18.27 12.58 19.94
CA GLU A 87 17.74 11.41 20.63
C GLU A 87 16.21 11.31 20.52
N LEU A 88 15.71 10.11 20.22
CA LEU A 88 14.27 9.87 20.14
C LEU A 88 13.64 9.89 21.52
N THR A 89 12.62 10.70 21.69
CA THR A 89 11.88 10.84 22.94
C THR A 89 10.38 10.67 22.65
N ALA A 90 9.56 10.64 23.72
CA ALA A 90 8.10 10.54 23.62
C ALA A 90 7.49 11.73 22.86
N ASP A 91 8.22 12.86 22.80
CA ASP A 91 7.87 14.12 22.13
C ASP A 91 7.80 13.95 20.60
N ASP A 92 8.75 13.17 20.04
CA ASP A 92 8.81 12.84 18.61
C ASP A 92 7.65 11.93 18.25
N VAL A 93 7.32 11.00 19.15
CA VAL A 93 6.21 10.05 19.01
C VAL A 93 4.87 10.79 19.08
N ALA A 94 4.70 11.67 20.09
CA ALA A 94 3.51 12.51 20.26
C ALA A 94 3.31 13.39 19.03
N TYR A 95 4.38 14.00 18.50
CA TYR A 95 4.34 14.83 17.29
C TYR A 95 3.93 14.02 16.04
N THR A 96 4.43 12.77 15.91
CA THR A 96 4.09 11.86 14.83
C THR A 96 2.57 11.65 14.77
N PHE A 97 1.92 11.46 15.93
CA PHE A 97 0.48 11.20 16.03
C PHE A 97 -0.37 12.42 16.45
N SER A 98 0.19 13.62 16.29
CA SER A 98 -0.44 14.87 16.69
C SER A 98 -1.46 15.38 15.67
N SER A 99 -2.38 16.23 16.14
CA SER A 99 -3.37 16.96 15.34
C SER A 99 -2.61 17.86 14.34
N GLU A 100 -1.56 18.57 14.83
CA GLU A 100 -0.72 19.50 14.06
C GLU A 100 -0.11 18.89 12.79
N ARG A 101 0.55 17.74 12.93
CA ARG A 101 1.25 17.03 11.88
C ARG A 101 0.36 16.07 11.08
N LEU A 102 -0.50 15.32 11.76
CA LEU A 102 -1.23 14.21 11.13
C LEU A 102 -2.72 14.28 10.79
N TRP A 103 -3.61 14.29 11.82
CA TRP A 103 -5.07 14.18 11.65
C TRP A 103 -5.90 15.46 11.86
N GLY A 104 -5.24 16.55 12.26
CA GLY A 104 -5.90 17.83 12.51
C GLY A 104 -6.36 18.52 11.24
N PRO A 105 -7.24 19.54 11.37
CA PRO A 105 -7.75 20.24 10.17
C PRO A 105 -6.68 20.93 9.31
N GLU A 106 -5.63 21.49 9.93
CA GLU A 106 -4.56 22.17 9.23
C GLU A 106 -3.62 21.23 8.48
N ALA A 107 -3.42 20.00 9.04
CA ALA A 107 -2.57 18.93 8.53
C ALA A 107 -2.88 18.45 7.09
N ILE A 108 -4.10 18.76 6.58
CA ILE A 108 -4.57 18.38 5.23
C ILE A 108 -3.68 18.96 4.11
N LYS A 109 -3.03 20.11 4.36
CA LYS A 109 -2.12 20.78 3.41
C LYS A 109 -0.75 20.10 3.33
N LYS A 110 -0.33 19.43 4.42
CA LYS A 110 0.97 18.76 4.53
C LYS A 110 0.90 17.28 4.10
N ILE A 111 -0.08 16.56 4.67
CA ILE A 111 -0.33 15.13 4.46
C ILE A 111 -1.81 15.03 3.99
N PRO A 112 -2.05 15.12 2.66
CA PRO A 112 -3.44 15.17 2.16
C PRO A 112 -4.39 14.08 2.59
N LEU A 113 -3.86 12.86 2.75
CA LEU A 113 -4.60 11.67 3.16
C LEU A 113 -4.42 11.29 4.65
N GLY A 114 -3.80 12.17 5.43
CA GLY A 114 -3.51 11.97 6.85
C GLY A 114 -4.71 11.67 7.72
N LYS A 115 -5.75 12.51 7.64
CA LYS A 115 -6.99 12.35 8.40
C LYS A 115 -7.80 11.15 7.89
N SER A 116 -7.99 11.04 6.57
CA SER A 116 -8.76 9.94 5.95
C SER A 116 -8.21 8.54 6.28
N TYR A 117 -6.86 8.41 6.42
CA TYR A 117 -6.18 7.15 6.74
C TYR A 117 -5.99 6.96 8.27
N SER A 118 -6.20 8.02 9.08
CA SER A 118 -6.02 7.91 10.53
C SER A 118 -7.28 7.42 11.25
N LEU A 119 -7.09 6.95 12.50
CA LEU A 119 -8.19 6.56 13.39
C LEU A 119 -8.78 7.85 13.96
N ASP A 120 -9.86 7.76 14.78
CA ASP A 120 -10.46 8.95 15.40
C ASP A 120 -9.57 9.38 16.57
N PHE A 121 -8.33 9.76 16.24
CA PHE A 121 -7.29 10.14 17.21
C PHE A 121 -7.63 11.31 18.10
N ASP A 122 -7.16 11.19 19.33
CA ASP A 122 -7.17 12.23 20.33
C ASP A 122 -5.69 12.57 20.47
N GLU A 123 -5.35 13.75 20.95
CA GLU A 123 -3.97 14.16 21.13
C GLU A 123 -3.15 13.16 21.98
N PRO A 124 -1.95 12.72 21.55
CA PRO A 124 -1.17 11.80 22.40
C PRO A 124 -0.81 12.39 23.78
N VAL A 125 -0.51 11.55 24.76
CA VAL A 125 -0.12 12.02 26.10
C VAL A 125 1.34 11.60 26.35
N VAL A 126 2.23 12.57 26.59
CA VAL A 126 3.63 12.34 26.93
C VAL A 126 3.65 12.20 28.45
N GLU A 127 3.98 11.01 28.95
CA GLU A 127 4.03 10.71 30.39
C GLU A 127 5.41 11.06 30.93
N ASP A 128 6.48 10.66 30.21
CA ASP A 128 7.87 11.03 30.50
C ASP A 128 8.69 10.92 29.21
N LYS A 129 10.01 11.22 29.26
CA LYS A 129 10.96 11.16 28.13
C LYS A 129 10.80 9.90 27.28
N TYR A 130 10.54 8.74 27.92
CA TYR A 130 10.38 7.47 27.21
C TYR A 130 9.03 6.78 27.40
N THR A 131 7.99 7.52 27.78
CA THR A 131 6.63 6.98 27.95
C THR A 131 5.61 7.87 27.25
N VAL A 132 4.83 7.28 26.35
CA VAL A 132 3.81 7.99 25.58
C VAL A 132 2.55 7.14 25.40
N THR A 133 1.38 7.75 25.62
CA THR A 133 0.08 7.11 25.46
C THR A 133 -0.59 7.67 24.22
N LEU A 134 -0.88 6.78 23.27
CA LEU A 134 -1.57 7.10 22.04
C LEU A 134 -3.04 6.79 22.29
N ARG A 135 -3.91 7.71 21.89
CA ARG A 135 -5.33 7.57 22.17
C ARG A 135 -6.26 8.03 21.06
N THR A 136 -7.50 7.51 21.11
CA THR A 136 -8.59 7.87 20.22
C THR A 136 -9.70 8.54 21.03
N LYS A 137 -10.50 9.39 20.38
CA LYS A 137 -11.60 10.13 21.01
C LYS A 137 -12.81 9.23 21.32
N THR A 138 -12.96 8.16 20.54
CA THR A 138 -14.02 7.15 20.65
C THR A 138 -13.35 5.79 20.77
N PRO A 139 -14.05 4.71 21.20
CA PRO A 139 -13.38 3.41 21.31
C PRO A 139 -12.74 2.90 20.01
N SER A 140 -11.49 2.46 20.12
CA SER A 140 -10.74 1.90 19.00
C SER A 140 -9.90 0.74 19.47
N TYR A 141 -10.16 -0.44 18.90
CA TYR A 141 -9.42 -1.66 19.19
C TYR A 141 -8.37 -1.86 18.10
N LEU A 142 -8.14 -0.80 17.29
CA LEU A 142 -7.22 -0.80 16.16
C LEU A 142 -5.90 -0.06 16.39
N ILE A 143 -5.69 0.52 17.58
CA ILE A 143 -4.49 1.30 17.89
C ILE A 143 -3.22 0.51 17.62
N GLU A 144 -3.14 -0.73 18.13
CA GLU A 144 -1.98 -1.61 18.00
C GLU A 144 -1.59 -1.87 16.57
N THR A 145 -2.56 -2.29 15.73
CA THR A 145 -2.30 -2.56 14.31
C THR A 145 -1.94 -1.30 13.53
N PHE A 146 -2.62 -0.17 13.85
CA PHE A 146 -2.31 1.10 13.19
C PHE A 146 -0.85 1.50 13.49
N VAL A 147 -0.39 1.30 14.73
CA VAL A 147 0.97 1.60 15.21
C VAL A 147 2.07 0.75 14.53
N ALA A 148 1.74 -0.49 14.15
CA ALA A 148 2.67 -1.37 13.45
C ALA A 148 2.75 -1.05 11.93
N SER A 149 1.77 -0.30 11.40
CA SER A 149 1.60 0.02 9.99
C SER A 149 2.47 1.14 9.40
N TRP A 150 2.38 1.27 8.05
CA TRP A 150 3.08 2.29 7.26
C TRP A 150 2.61 3.74 7.56
N MET A 151 1.56 3.91 8.40
CA MET A 151 1.04 5.22 8.79
C MET A 151 1.80 5.77 9.98
N SER A 152 2.49 4.87 10.68
CA SER A 152 3.10 5.10 11.96
C SER A 152 4.62 5.13 12.10
N ARG A 153 5.32 5.41 11.01
CA ARG A 153 6.79 5.57 11.05
C ARG A 153 7.08 6.88 11.77
N ILE A 154 7.94 6.82 12.82
CA ILE A 154 8.24 7.96 13.70
C ILE A 154 9.16 8.99 13.08
N VAL A 155 8.70 10.26 13.10
CA VAL A 155 9.42 11.43 12.57
C VAL A 155 10.06 12.28 13.68
N PRO A 156 11.23 12.94 13.42
CA PRO A 156 11.82 13.81 14.44
C PRO A 156 11.06 15.13 14.53
N LYS A 157 10.44 15.43 15.70
CA LYS A 157 9.65 16.64 15.90
C LYS A 157 10.35 17.95 15.45
N GLU A 158 11.50 18.28 16.09
CA GLU A 158 12.21 19.52 15.85
C GLU A 158 12.68 19.74 14.43
N TYR A 159 13.27 18.71 13.81
CA TYR A 159 13.77 18.77 12.43
C TYR A 159 12.63 18.93 11.42
N TYR A 160 11.58 18.09 11.55
CA TYR A 160 10.38 18.08 10.70
C TYR A 160 9.70 19.43 10.74
N LYS A 161 9.49 19.99 11.95
CA LYS A 161 8.86 21.30 12.16
C LYS A 161 9.73 22.40 11.55
N LYS A 162 11.07 22.30 11.74
CA LYS A 162 12.03 23.25 11.18
C LYS A 162 11.90 23.31 9.65
N LEU A 163 11.89 22.15 8.99
CA LEU A 163 11.81 22.08 7.53
C LEU A 163 10.41 22.26 6.96
N GLY A 164 9.42 21.71 7.65
CA GLY A 164 8.04 21.62 7.20
C GLY A 164 7.90 20.28 6.50
N ALA A 165 6.67 19.77 6.32
CA ALA A 165 6.43 18.47 5.68
C ALA A 165 6.97 18.34 4.24
N VAL A 166 6.79 19.40 3.41
CA VAL A 166 7.25 19.37 2.01
C VAL A 166 8.79 19.27 1.90
N ASP A 167 9.54 20.13 2.61
CA ASP A 167 11.02 20.06 2.59
C ASP A 167 11.58 18.82 3.29
N PHE A 168 10.85 18.29 4.31
CA PHE A 168 11.25 17.08 5.05
C PHE A 168 11.20 15.87 4.10
N GLY A 169 10.19 15.83 3.23
CA GLY A 169 10.00 14.77 2.26
C GLY A 169 11.09 14.70 1.22
N ASN A 170 11.92 15.76 1.12
CA ASN A 170 13.05 15.85 0.20
C ASN A 170 14.40 15.70 0.90
N LYS A 171 14.41 15.77 2.23
CA LYS A 171 15.62 15.64 3.06
C LYS A 171 15.22 14.88 4.36
N PRO A 172 14.74 13.62 4.26
CA PRO A 172 14.26 12.93 5.47
C PRO A 172 15.30 12.53 6.49
N VAL A 173 14.91 12.61 7.77
CA VAL A 173 15.71 12.16 8.91
C VAL A 173 14.84 11.19 9.70
N GLY A 174 15.36 10.00 9.94
CA GLY A 174 14.64 8.98 10.69
C GLY A 174 15.57 8.32 11.66
N THR A 175 15.16 7.15 12.20
CA THR A 175 15.97 6.34 13.12
C THR A 175 16.42 5.02 12.48
N GLY A 176 15.86 4.70 11.30
CA GLY A 176 16.07 3.48 10.52
C GLY A 176 17.49 3.06 10.17
N PRO A 177 17.66 1.83 9.58
CA PRO A 177 19.01 1.32 9.30
C PRO A 177 19.79 2.02 8.22
N TYR A 178 19.10 2.81 7.39
CA TYR A 178 19.74 3.56 6.30
C TYR A 178 19.37 5.03 6.37
N LYS A 179 20.35 5.89 6.16
CA LYS A 179 20.15 7.33 6.17
C LYS A 179 20.13 7.92 4.76
N PHE A 180 19.41 9.04 4.60
CA PHE A 180 19.24 9.75 3.33
C PHE A 180 20.55 10.33 2.80
N VAL A 181 20.78 10.11 1.50
CA VAL A 181 21.96 10.64 0.79
C VAL A 181 21.49 11.62 -0.28
N GLU A 182 20.53 11.21 -1.13
CA GLU A 182 20.04 12.02 -2.25
C GLU A 182 18.71 11.51 -2.81
N PHE A 183 17.90 12.43 -3.35
CA PHE A 183 16.64 12.18 -4.02
C PHE A 183 16.58 13.07 -5.25
N VAL A 184 16.72 12.45 -6.43
CA VAL A 184 16.59 13.12 -7.72
C VAL A 184 15.28 12.58 -8.31
N ALA A 185 14.22 13.39 -8.29
CA ALA A 185 12.88 13.03 -8.78
C ALA A 185 12.92 12.46 -10.20
N GLY A 186 12.20 11.35 -10.40
CA GLY A 186 12.13 10.66 -11.70
C GLY A 186 13.43 10.01 -12.15
N ASP A 187 14.39 9.84 -11.22
CA ASP A 187 15.70 9.23 -11.47
C ASP A 187 16.08 8.23 -10.38
N ARG A 188 16.48 8.71 -9.18
CA ARG A 188 16.91 7.83 -8.09
C ARG A 188 16.78 8.38 -6.66
N VAL A 189 16.87 7.46 -5.70
CA VAL A 189 16.96 7.73 -4.27
C VAL A 189 18.21 6.95 -3.84
N VAL A 190 19.19 7.66 -3.26
CA VAL A 190 20.41 7.03 -2.76
C VAL A 190 20.37 7.08 -1.21
N LEU A 191 20.65 5.94 -0.55
CA LEU A 191 20.73 5.86 0.91
C LEU A 191 22.10 5.27 1.30
N GLU A 192 22.54 5.50 2.54
CA GLU A 192 23.80 4.94 3.06
C GLU A 192 23.57 4.31 4.44
N ALA A 193 24.45 3.38 4.83
CA ALA A 193 24.38 2.65 6.09
C ALA A 193 24.36 3.58 7.30
N ASN A 194 23.42 3.33 8.23
CA ASN A 194 23.34 4.06 9.49
C ASN A 194 24.03 3.15 10.49
N ASP A 195 25.34 3.36 10.68
CA ASP A 195 26.15 2.55 11.61
C ASP A 195 25.91 2.84 13.10
N ALA A 196 25.01 3.79 13.39
CA ALA A 196 24.59 4.16 14.74
C ALA A 196 23.19 3.58 14.96
N TYR A 197 22.77 2.63 14.08
CA TYR A 197 21.45 1.99 14.19
C TYR A 197 21.28 1.19 15.47
N TRP A 198 20.12 1.33 16.12
CA TRP A 198 19.79 0.66 17.39
C TRP A 198 19.55 -0.84 17.22
N GLY A 199 19.08 -1.25 16.05
CA GLY A 199 18.78 -2.65 15.76
C GLY A 199 19.84 -3.39 14.95
N PRO A 200 19.44 -4.42 14.17
CA PRO A 200 20.43 -5.15 13.36
C PRO A 200 21.12 -4.23 12.36
N LYS A 201 22.46 -4.18 12.42
CA LYS A 201 23.31 -3.32 11.60
C LYS A 201 23.10 -3.41 10.09
N PRO A 202 23.09 -2.27 9.38
CA PRO A 202 22.95 -2.29 7.91
C PRO A 202 24.08 -3.08 7.24
N THR A 203 23.73 -4.03 6.35
CA THR A 203 24.72 -4.90 5.65
C THR A 203 25.23 -4.33 4.32
N ALA A 204 24.52 -3.34 3.77
CA ALA A 204 24.93 -2.67 2.53
C ALA A 204 25.56 -1.33 2.92
N SER A 205 26.63 -0.90 2.23
CA SER A 205 27.25 0.40 2.52
C SER A 205 26.35 1.53 1.97
N LYS A 206 25.70 1.29 0.80
CA LYS A 206 24.80 2.21 0.11
C LYS A 206 23.63 1.47 -0.52
N ILE A 207 22.50 2.16 -0.71
CA ILE A 207 21.34 1.62 -1.42
C ILE A 207 20.83 2.65 -2.43
N THR A 208 20.80 2.28 -3.71
CA THR A 208 20.25 3.12 -4.79
C THR A 208 18.98 2.45 -5.32
N TYR A 209 17.89 3.22 -5.39
CA TYR A 209 16.62 2.82 -5.98
C TYR A 209 16.58 3.60 -7.30
N GLN A 210 16.89 2.92 -8.40
CA GLN A 210 16.96 3.53 -9.74
C GLN A 210 15.69 3.23 -10.54
N ILE A 211 14.99 4.28 -10.99
CA ILE A 211 13.78 4.08 -11.80
C ILE A 211 14.14 3.49 -13.17
N VAL A 212 13.44 2.39 -13.51
CA VAL A 212 13.52 1.70 -14.80
C VAL A 212 12.08 1.35 -15.10
N ALA A 213 11.31 2.32 -15.61
CA ALA A 213 9.89 2.20 -15.92
C ALA A 213 9.55 1.00 -16.83
N GLU A 214 10.44 0.68 -17.79
CA GLU A 214 10.25 -0.45 -18.70
C GLU A 214 10.78 -1.75 -18.12
N PRO A 215 9.88 -2.73 -17.84
CA PRO A 215 10.34 -4.01 -17.25
C PRO A 215 11.38 -4.80 -18.07
N ALA A 216 11.36 -4.67 -19.41
CA ALA A 216 12.32 -5.31 -20.31
C ALA A 216 13.71 -4.70 -20.13
N THR A 217 13.77 -3.36 -19.97
CA THR A 217 14.99 -2.59 -19.72
C THR A 217 15.50 -2.97 -18.32
N ARG A 218 14.56 -3.20 -17.38
CA ARG A 218 14.85 -3.64 -16.01
C ARG A 218 15.50 -5.04 -16.05
N VAL A 219 14.88 -6.03 -16.76
CA VAL A 219 15.38 -7.41 -16.91
C VAL A 219 16.81 -7.43 -17.51
N ALA A 220 16.99 -6.75 -18.66
CA ALA A 220 18.27 -6.62 -19.36
C ALA A 220 19.31 -5.93 -18.49
N GLY A 221 18.85 -5.10 -17.54
CA GLY A 221 19.69 -4.38 -16.59
C GLY A 221 20.35 -5.31 -15.60
N LEU A 222 19.60 -6.35 -15.15
CA LEU A 222 20.08 -7.36 -14.21
C LEU A 222 21.02 -8.38 -14.92
N ILE A 223 20.74 -8.68 -16.21
CA ILE A 223 21.53 -9.62 -17.02
C ILE A 223 22.92 -9.04 -17.38
N SER A 224 23.06 -7.69 -17.41
CA SER A 224 24.29 -6.99 -17.77
C SER A 224 25.57 -7.16 -16.90
N GLY A 225 25.54 -6.97 -15.57
CA GLY A 225 24.42 -6.61 -14.72
C GLY A 225 24.63 -5.31 -13.97
N GLU A 226 23.75 -4.32 -14.23
CA GLU A 226 23.75 -2.99 -13.64
C GLU A 226 23.04 -2.98 -12.29
N TYR A 227 22.33 -4.07 -11.94
CA TYR A 227 21.55 -4.19 -10.71
C TYR A 227 21.80 -5.47 -9.90
N ASP A 228 21.57 -5.37 -8.59
CA ASP A 228 21.68 -6.50 -7.66
C ASP A 228 20.31 -7.16 -7.54
N ILE A 229 19.23 -6.33 -7.50
CA ILE A 229 17.82 -6.76 -7.42
C ILE A 229 16.98 -5.86 -8.32
N ILE A 230 16.00 -6.45 -9.02
CA ILE A 230 15.01 -5.74 -9.84
C ILE A 230 13.60 -6.07 -9.33
N THR A 231 12.68 -5.10 -9.40
CA THR A 231 11.32 -5.26 -8.88
C THR A 231 10.24 -5.33 -9.98
N THR A 232 8.99 -5.62 -9.54
CA THR A 232 7.74 -5.56 -10.31
C THR A 232 7.73 -6.30 -11.65
N LEU A 233 8.16 -7.56 -11.61
CA LEU A 233 8.19 -8.39 -12.81
C LEU A 233 6.87 -9.14 -12.97
N THR A 234 6.78 -9.92 -14.04
CA THR A 234 5.63 -10.71 -14.44
C THR A 234 6.03 -12.20 -14.46
N PRO A 235 5.13 -13.17 -14.12
CA PRO A 235 5.51 -14.59 -14.20
C PRO A 235 6.05 -15.05 -15.57
N ASP A 236 5.89 -14.19 -16.61
CA ASP A 236 6.37 -14.44 -17.97
C ASP A 236 7.89 -14.23 -18.08
N ASP A 237 8.44 -13.42 -17.16
CA ASP A 237 9.87 -13.11 -17.06
C ASP A 237 10.66 -14.20 -16.32
N ILE A 238 9.96 -15.07 -15.57
CA ILE A 238 10.51 -16.14 -14.72
C ILE A 238 11.46 -17.12 -15.42
N GLN A 239 11.00 -17.85 -16.45
CA GLN A 239 11.79 -18.85 -17.16
C GLN A 239 13.12 -18.37 -17.73
N LEU A 240 13.16 -17.13 -18.27
CA LEU A 240 14.35 -16.52 -18.85
C LEU A 240 15.38 -16.14 -17.78
N ILE A 241 14.95 -15.47 -16.70
CA ILE A 241 15.85 -15.04 -15.62
C ILE A 241 16.49 -16.24 -14.95
N ASN A 242 15.66 -17.25 -14.63
CA ASN A 242 16.06 -18.50 -13.99
C ASN A 242 16.93 -19.41 -14.88
N SER A 243 17.02 -19.09 -16.18
CA SER A 243 17.87 -19.84 -17.11
C SER A 243 19.35 -19.48 -16.87
N TYR A 244 19.60 -18.34 -16.18
CA TYR A 244 20.95 -17.88 -15.83
C TYR A 244 21.39 -18.49 -14.50
N PRO A 245 22.57 -19.17 -14.45
CA PRO A 245 23.00 -19.82 -13.19
C PRO A 245 23.34 -18.89 -12.02
N ASP A 246 23.57 -17.58 -12.27
CA ASP A 246 23.89 -16.59 -11.25
C ASP A 246 22.70 -15.68 -10.91
N LEU A 247 21.55 -15.90 -11.56
CA LEU A 247 20.33 -15.11 -11.38
C LEU A 247 19.16 -15.97 -10.98
N GLU A 248 18.21 -15.39 -10.25
CA GLU A 248 16.99 -16.09 -9.84
C GLU A 248 15.83 -15.16 -9.55
N THR A 249 14.61 -15.68 -9.75
CA THR A 249 13.43 -14.91 -9.41
C THR A 249 13.06 -15.21 -7.97
N ARG A 250 12.46 -14.25 -7.29
CA ARG A 250 12.04 -14.37 -5.90
C ARG A 250 10.68 -13.68 -5.81
N GLY A 251 9.65 -14.46 -5.61
CA GLY A 251 8.31 -13.88 -5.59
C GLY A 251 7.41 -14.42 -4.51
N THR A 252 6.33 -13.69 -4.24
CA THR A 252 5.33 -14.01 -3.24
C THR A 252 4.05 -13.23 -3.47
N LEU A 253 2.92 -13.80 -3.02
CA LEU A 253 1.63 -13.13 -3.02
C LEU A 253 1.69 -12.12 -1.87
N ILE A 254 1.41 -10.87 -2.16
CA ILE A 254 1.45 -9.78 -1.19
C ILE A 254 0.07 -9.36 -0.71
N GLU A 255 0.00 -8.72 0.47
CA GLU A 255 -1.23 -8.25 1.12
C GLU A 255 -1.66 -6.93 0.49
N ASN A 256 -2.06 -7.04 -0.79
CA ASN A 256 -2.46 -5.96 -1.67
C ASN A 256 -3.35 -6.54 -2.76
N PHE A 257 -4.31 -5.74 -3.24
CA PHE A 257 -5.10 -6.16 -4.39
C PHE A 257 -4.97 -5.12 -5.50
N HIS A 258 -4.96 -5.61 -6.74
CA HIS A 258 -4.97 -4.76 -7.93
C HIS A 258 -6.44 -4.55 -8.27
N MET A 259 -6.74 -3.42 -8.86
CA MET A 259 -8.11 -3.10 -9.21
C MET A 259 -8.16 -2.08 -10.33
N PHE A 260 -9.38 -1.80 -10.79
CA PHE A 260 -9.66 -0.67 -11.63
C PHE A 260 -10.77 0.09 -10.93
N THR A 261 -10.77 1.40 -11.10
CA THR A 261 -11.74 2.27 -10.47
C THR A 261 -12.29 3.31 -11.42
N PHE A 262 -13.22 4.13 -10.94
CA PHE A 262 -13.92 5.10 -11.77
C PHE A 262 -13.90 6.50 -11.20
N ASN A 263 -14.06 7.48 -12.09
CA ASN A 263 -14.26 8.85 -11.72
C ASN A 263 -15.80 8.95 -11.73
N MET A 264 -16.39 8.82 -10.53
CA MET A 264 -17.86 8.84 -10.39
C MET A 264 -18.49 10.22 -10.49
N ASN A 265 -17.66 11.26 -10.75
CA ASN A 265 -18.08 12.64 -11.00
C ASN A 265 -18.47 12.71 -12.48
N GLN A 266 -17.96 11.75 -13.30
CA GLN A 266 -18.29 11.69 -14.71
C GLN A 266 -19.69 11.14 -14.89
N GLU A 267 -20.49 11.84 -15.72
CA GLU A 267 -21.89 11.52 -16.02
C GLU A 267 -22.15 10.03 -16.23
N VAL A 268 -21.30 9.40 -17.06
CA VAL A 268 -21.36 7.99 -17.41
C VAL A 268 -21.18 7.04 -16.22
N PHE A 269 -20.45 7.50 -15.17
CA PHE A 269 -20.16 6.71 -13.98
C PHE A 269 -20.87 7.13 -12.68
N LYS A 270 -21.84 8.06 -12.76
CA LYS A 270 -22.62 8.54 -11.59
C LYS A 270 -23.50 7.41 -11.02
N ASP A 271 -24.14 6.63 -11.91
CA ASP A 271 -24.97 5.49 -11.52
C ASP A 271 -24.14 4.20 -11.59
N LYS A 272 -24.51 3.22 -10.78
CA LYS A 272 -23.85 1.93 -10.60
C LYS A 272 -23.95 0.98 -11.79
N LYS A 273 -24.96 1.16 -12.67
CA LYS A 273 -25.27 0.30 -13.82
C LYS A 273 -24.08 -0.05 -14.72
N LEU A 274 -23.43 0.95 -15.35
CA LEU A 274 -22.29 0.70 -16.24
C LEU A 274 -21.08 0.19 -15.50
N ARG A 275 -20.86 0.67 -14.25
CA ARG A 275 -19.78 0.23 -13.38
C ARG A 275 -19.93 -1.26 -13.09
N ARG A 276 -21.17 -1.71 -12.82
CA ARG A 276 -21.49 -3.11 -12.52
C ARG A 276 -21.33 -3.98 -13.77
N ALA A 277 -21.85 -3.51 -14.92
CA ALA A 277 -21.74 -4.13 -16.24
C ALA A 277 -20.27 -4.41 -16.55
N LEU A 278 -19.39 -3.41 -16.36
CA LEU A 278 -17.94 -3.55 -16.59
C LEU A 278 -17.31 -4.56 -15.62
N ALA A 279 -17.75 -4.56 -14.35
CA ALA A 279 -17.31 -5.49 -13.31
C ALA A 279 -17.69 -6.94 -13.63
N LEU A 280 -18.96 -7.17 -14.00
CA LEU A 280 -19.55 -8.48 -14.31
C LEU A 280 -18.92 -9.19 -15.53
N ALA A 281 -18.31 -8.41 -16.46
CA ALA A 281 -17.67 -8.93 -17.67
C ALA A 281 -16.18 -9.24 -17.45
N VAL A 282 -15.62 -8.92 -16.26
CA VAL A 282 -14.21 -9.21 -15.96
C VAL A 282 -14.00 -10.68 -15.70
N ASN A 283 -13.33 -11.37 -16.62
CA ASN A 283 -13.01 -12.78 -16.49
C ASN A 283 -11.64 -12.92 -15.81
N ARG A 284 -11.64 -12.89 -14.47
CA ARG A 284 -10.43 -13.00 -13.65
C ARG A 284 -9.68 -14.33 -13.85
N PRO A 285 -10.34 -15.53 -13.90
CA PRO A 285 -9.59 -16.77 -14.14
C PRO A 285 -8.77 -16.81 -15.43
N ILE A 286 -9.25 -16.25 -16.57
CA ILE A 286 -8.42 -16.23 -17.80
C ILE A 286 -7.21 -15.30 -17.67
N MET A 287 -7.39 -14.15 -16.98
CA MET A 287 -6.32 -13.17 -16.72
C MET A 287 -5.24 -13.82 -15.85
N VAL A 288 -5.65 -14.56 -14.82
CA VAL A 288 -4.76 -15.28 -13.90
C VAL A 288 -3.98 -16.42 -14.60
N GLU A 289 -4.56 -17.02 -15.66
CA GLU A 289 -3.86 -18.03 -16.45
C GLU A 289 -2.88 -17.37 -17.44
N ALA A 290 -3.39 -16.41 -18.23
CA ALA A 290 -2.65 -15.73 -19.29
C ALA A 290 -1.49 -14.88 -18.85
N LEU A 291 -1.65 -14.14 -17.76
CA LEU A 291 -0.64 -13.17 -17.36
C LEU A 291 0.06 -13.52 -16.07
N TRP A 292 -0.60 -14.32 -15.23
CA TRP A 292 -0.10 -14.66 -13.92
C TRP A 292 0.33 -16.11 -13.77
N LYS A 293 0.06 -16.97 -14.78
CA LYS A 293 0.42 -18.40 -14.80
C LYS A 293 0.03 -19.12 -13.49
N LYS A 294 -1.22 -18.85 -13.01
CA LYS A 294 -1.81 -19.39 -11.77
C LYS A 294 -1.16 -18.82 -10.49
N GLN A 295 -0.18 -17.90 -10.60
CA GLN A 295 0.52 -17.36 -9.42
C GLN A 295 -0.25 -16.31 -8.60
N ALA A 296 -1.10 -15.50 -9.24
CA ALA A 296 -1.93 -14.50 -8.57
C ALA A 296 -3.13 -15.20 -7.92
N SER A 297 -3.86 -14.52 -7.02
CA SER A 297 -5.03 -15.10 -6.37
C SER A 297 -6.25 -14.19 -6.44
N ILE A 298 -7.45 -14.77 -6.51
CA ILE A 298 -8.69 -14.01 -6.63
C ILE A 298 -9.44 -14.03 -5.28
N PRO A 299 -9.56 -12.88 -4.60
CA PRO A 299 -10.27 -12.90 -3.31
C PRO A 299 -11.79 -12.98 -3.47
N ALA A 300 -12.48 -13.57 -2.49
CA ALA A 300 -13.93 -13.64 -2.47
C ALA A 300 -14.41 -12.27 -1.91
N GLY A 301 -14.34 -11.24 -2.74
CA GLY A 301 -14.71 -9.88 -2.37
C GLY A 301 -13.61 -9.12 -1.64
N PHE A 302 -13.97 -7.98 -0.99
CA PHE A 302 -13.07 -7.10 -0.22
C PHE A 302 -12.88 -7.81 1.12
N ASN A 303 -12.18 -8.96 1.05
CA ASN A 303 -12.04 -9.96 2.08
C ASN A 303 -10.67 -10.69 1.98
N PHE A 304 -9.77 -10.48 2.96
CA PHE A 304 -8.43 -11.03 2.92
C PHE A 304 -8.03 -11.75 4.21
N PRO A 305 -7.25 -12.86 4.12
CA PRO A 305 -6.88 -13.60 5.34
C PRO A 305 -6.23 -12.77 6.45
N ASN A 306 -5.43 -11.75 6.09
CA ASN A 306 -4.77 -10.84 7.05
C ASN A 306 -5.75 -10.09 7.98
N TYR A 307 -7.05 -10.03 7.59
CA TYR A 307 -8.12 -9.38 8.38
C TYR A 307 -8.36 -10.15 9.70
N GLY A 308 -7.80 -11.36 9.81
CA GLY A 308 -7.90 -12.24 10.96
C GLY A 308 -9.32 -12.59 11.30
N GLU A 309 -9.81 -12.06 12.45
CA GLU A 309 -11.16 -12.25 12.98
C GLU A 309 -12.28 -11.69 12.12
N THR A 310 -11.94 -10.77 11.20
CA THR A 310 -12.86 -10.12 10.27
C THR A 310 -12.74 -10.61 8.81
N PHE A 311 -11.99 -11.71 8.61
CA PHE A 311 -11.89 -12.37 7.32
C PHE A 311 -13.07 -13.34 7.29
N ASP A 312 -13.81 -13.41 6.17
CA ASP A 312 -14.88 -14.40 6.02
C ASP A 312 -14.45 -15.51 5.04
N PRO A 313 -14.02 -16.68 5.56
CA PRO A 313 -13.59 -17.78 4.67
C PRO A 313 -14.72 -18.53 3.99
N LYS A 314 -15.96 -18.33 4.44
CA LYS A 314 -17.14 -19.00 3.90
C LYS A 314 -17.74 -18.22 2.72
N ARG A 315 -17.25 -16.98 2.51
CA ARG A 315 -17.72 -16.08 1.46
C ARG A 315 -17.49 -16.61 0.04
N LYS A 316 -18.53 -16.53 -0.82
CA LYS A 316 -18.48 -16.96 -2.22
C LYS A 316 -17.64 -15.98 -3.04
N ALA A 317 -17.12 -16.48 -4.16
CA ALA A 317 -16.33 -15.72 -5.13
C ALA A 317 -17.18 -14.61 -5.77
N MET A 318 -16.52 -13.55 -6.25
CA MET A 318 -17.18 -12.44 -6.96
C MET A 318 -17.79 -12.97 -8.27
N GLU A 319 -19.04 -12.56 -8.56
CA GLU A 319 -19.81 -12.98 -9.73
C GLU A 319 -19.16 -12.59 -11.07
N TYR A 320 -19.30 -13.49 -12.06
CA TYR A 320 -18.87 -13.32 -13.44
C TYR A 320 -20.12 -13.66 -14.25
N ASN A 321 -20.69 -12.66 -14.94
CA ASN A 321 -21.95 -12.83 -15.66
C ASN A 321 -22.01 -11.92 -16.87
N VAL A 322 -21.50 -12.43 -17.99
CA VAL A 322 -21.43 -11.75 -19.30
C VAL A 322 -22.82 -11.33 -19.79
N GLU A 323 -23.80 -12.27 -19.74
CA GLU A 323 -25.17 -12.00 -20.16
C GLU A 323 -25.85 -10.88 -19.37
N GLU A 324 -25.68 -10.86 -18.02
CA GLU A 324 -26.22 -9.78 -17.16
C GLU A 324 -25.53 -8.46 -17.52
N ALA A 325 -24.19 -8.49 -17.70
CA ALA A 325 -23.38 -7.33 -18.09
C ALA A 325 -23.91 -6.73 -19.40
N LYS A 326 -24.17 -7.59 -20.42
CA LYS A 326 -24.71 -7.21 -21.73
C LYS A 326 -26.01 -6.45 -21.58
N ARG A 327 -26.96 -6.98 -20.79
CA ARG A 327 -28.24 -6.34 -20.50
C ARG A 327 -28.03 -4.98 -19.81
N LEU A 328 -27.13 -4.91 -18.80
CA LEU A 328 -26.87 -3.68 -18.04
C LEU A 328 -26.34 -2.53 -18.92
N VAL A 329 -25.55 -2.85 -19.97
CA VAL A 329 -25.05 -1.88 -20.95
C VAL A 329 -26.25 -1.37 -21.77
N LYS A 330 -27.12 -2.30 -22.20
CA LYS A 330 -28.33 -2.04 -22.97
C LYS A 330 -29.31 -1.14 -22.22
N GLU A 331 -29.47 -1.36 -20.89
CA GLU A 331 -30.37 -0.60 -20.03
C GLU A 331 -29.86 0.79 -19.70
N SER A 332 -28.53 0.92 -19.56
CA SER A 332 -27.83 2.16 -19.25
C SER A 332 -27.90 3.21 -20.37
N GLY A 333 -27.52 4.44 -20.04
CA GLY A 333 -27.48 5.56 -20.97
C GLY A 333 -26.35 5.50 -21.98
N TYR A 334 -25.31 4.67 -21.70
CA TYR A 334 -24.12 4.47 -22.55
C TYR A 334 -24.47 4.29 -24.03
N ASP A 335 -23.73 4.98 -24.91
CA ASP A 335 -24.02 5.02 -26.36
C ASP A 335 -22.93 4.52 -27.31
N GLY A 336 -21.89 3.91 -26.78
CA GLY A 336 -20.79 3.39 -27.60
C GLY A 336 -19.60 4.32 -27.65
N THR A 337 -19.70 5.48 -26.98
CA THR A 337 -18.65 6.50 -26.91
C THR A 337 -17.42 5.93 -26.21
N PRO A 338 -16.21 6.03 -26.81
CA PRO A 338 -15.02 5.48 -26.15
C PRO A 338 -14.77 5.98 -24.73
N ILE A 339 -14.57 5.05 -23.78
CA ILE A 339 -14.27 5.38 -22.38
C ILE A 339 -12.78 5.19 -22.16
N THR A 340 -12.13 6.23 -21.65
CA THR A 340 -10.71 6.19 -21.36
C THR A 340 -10.40 5.44 -20.06
N TYR A 341 -9.25 4.76 -20.04
CA TYR A 341 -8.72 4.01 -18.92
C TYR A 341 -7.25 4.45 -18.79
N HIS A 342 -6.97 5.21 -17.72
CA HIS A 342 -5.65 5.75 -17.44
C HIS A 342 -4.75 4.78 -16.69
N THR A 343 -3.51 4.63 -17.17
CA THR A 343 -2.50 3.72 -16.62
C THR A 343 -1.09 4.33 -16.76
N MET A 344 -0.30 4.28 -15.68
CA MET A 344 1.06 4.81 -15.67
C MET A 344 2.00 3.73 -16.19
N GLY A 345 1.82 3.38 -17.46
CA GLY A 345 2.55 2.30 -18.11
C GLY A 345 2.38 1.02 -17.30
N ASN A 346 3.51 0.38 -16.94
CA ASN A 346 3.51 -0.83 -16.13
C ASN A 346 4.00 -0.60 -14.70
N TYR A 347 3.48 0.47 -14.05
CA TYR A 347 3.73 0.79 -12.64
C TYR A 347 3.29 -0.45 -11.85
N TYR A 348 2.11 -0.99 -12.22
CA TYR A 348 1.58 -2.22 -11.69
C TYR A 348 2.01 -3.33 -12.62
N ALA A 349 2.40 -4.49 -12.06
CA ALA A 349 2.79 -5.63 -12.88
C ALA A 349 1.52 -6.09 -13.62
N ASN A 350 1.69 -6.34 -14.94
CA ASN A 350 0.65 -6.76 -15.86
C ASN A 350 -0.47 -5.76 -16.09
N ALA A 351 -0.26 -4.48 -15.73
CA ALA A 351 -1.24 -3.40 -15.89
C ALA A 351 -1.73 -3.25 -17.33
N MET A 352 -0.79 -3.11 -18.27
CA MET A 352 -1.11 -2.98 -19.69
C MET A 352 -1.61 -4.31 -20.29
N PRO A 353 -0.92 -5.49 -20.11
CA PRO A 353 -1.52 -6.75 -20.63
C PRO A 353 -2.90 -7.05 -20.05
N ALA A 354 -3.14 -6.76 -18.74
CA ALA A 354 -4.45 -6.95 -18.08
C ALA A 354 -5.53 -6.11 -18.73
N LEU A 355 -5.25 -4.81 -18.92
CA LEU A 355 -6.18 -3.89 -19.60
C LEU A 355 -6.54 -4.35 -21.03
N MET A 356 -5.54 -4.81 -21.81
CA MET A 356 -5.70 -5.31 -23.20
C MET A 356 -6.76 -6.40 -23.28
N MET A 357 -6.74 -7.31 -22.29
CA MET A 357 -7.67 -8.44 -22.14
C MET A 357 -9.07 -7.97 -21.77
N MET A 358 -9.14 -6.99 -20.86
CA MET A 358 -10.40 -6.40 -20.41
C MET A 358 -11.09 -5.59 -21.51
N ILE A 359 -10.30 -4.83 -22.32
CA ILE A 359 -10.82 -4.03 -23.45
C ILE A 359 -11.55 -4.98 -24.40
N GLU A 360 -10.95 -6.18 -24.62
CA GLU A 360 -11.57 -7.19 -25.45
C GLU A 360 -12.86 -7.75 -24.79
N MET A 361 -12.83 -8.04 -23.46
CA MET A 361 -13.99 -8.51 -22.67
C MET A 361 -15.12 -7.49 -22.74
N TRP A 362 -14.78 -6.20 -22.61
CA TRP A 362 -15.73 -5.09 -22.64
C TRP A 362 -16.30 -4.84 -24.02
N LYS A 363 -15.47 -4.96 -25.08
CA LYS A 363 -15.90 -4.84 -26.47
C LYS A 363 -17.04 -5.85 -26.71
N GLN A 364 -16.89 -7.08 -26.19
CA GLN A 364 -17.88 -8.16 -26.32
C GLN A 364 -19.22 -7.89 -25.64
N ILE A 365 -19.27 -6.96 -24.65
CA ILE A 365 -20.51 -6.56 -23.96
C ILE A 365 -21.05 -5.22 -24.50
N GLY A 366 -20.34 -4.65 -25.48
CA GLY A 366 -20.71 -3.41 -26.15
C GLY A 366 -20.12 -2.16 -25.53
N VAL A 367 -18.99 -2.26 -24.82
CA VAL A 367 -18.34 -1.08 -24.23
C VAL A 367 -16.94 -0.90 -24.82
N ASN A 368 -16.75 0.22 -25.52
CA ASN A 368 -15.47 0.55 -26.15
C ASN A 368 -14.59 1.30 -25.16
N VAL A 369 -13.53 0.63 -24.69
CA VAL A 369 -12.59 1.16 -23.70
C VAL A 369 -11.24 1.42 -24.38
N VAL A 370 -10.64 2.58 -24.09
CA VAL A 370 -9.39 3.05 -24.71
C VAL A 370 -8.31 3.25 -23.65
N MET A 371 -7.11 2.73 -23.92
CA MET A 371 -5.97 2.93 -23.03
C MET A 371 -5.40 4.33 -23.26
N LYS A 372 -5.08 5.02 -22.15
CA LYS A 372 -4.47 6.34 -22.14
C LYS A 372 -3.32 6.30 -21.14
N THR A 373 -2.10 6.36 -21.65
CA THR A 373 -0.88 6.27 -20.84
C THR A 373 -0.47 7.64 -20.28
N TYR A 374 0.07 7.67 -19.05
CA TYR A 374 0.57 8.90 -18.45
C TYR A 374 1.93 8.67 -17.78
N ALA A 375 2.82 9.65 -17.89
CA ALA A 375 4.17 9.61 -17.31
C ALA A 375 4.13 9.75 -15.77
N PRO A 376 5.11 9.21 -15.00
CA PRO A 376 5.10 9.40 -13.53
C PRO A 376 5.08 10.89 -13.18
N GLY A 377 4.15 11.28 -12.31
CA GLY A 377 3.95 12.67 -11.89
C GLY A 377 3.14 13.51 -12.85
N SER A 378 2.77 12.94 -14.02
CA SER A 378 1.99 13.60 -15.08
C SER A 378 0.53 13.08 -15.14
N PHE A 379 -0.05 12.67 -13.98
CA PHE A 379 -1.46 12.23 -13.93
C PHE A 379 -2.35 13.43 -14.26
N PRO A 380 -3.27 13.29 -15.24
CA PRO A 380 -4.06 14.46 -15.68
C PRO A 380 -5.09 14.99 -14.67
N PRO A 381 -5.74 16.16 -14.90
CA PRO A 381 -6.78 16.60 -13.95
C PRO A 381 -7.88 15.54 -13.86
N ASP A 382 -8.48 15.40 -12.67
CA ASP A 382 -9.53 14.43 -12.34
C ASP A 382 -10.63 14.32 -13.40
N ASN A 383 -11.13 15.47 -13.90
CA ASN A 383 -12.20 15.55 -14.90
C ASN A 383 -11.81 15.11 -16.33
N GLN A 384 -10.50 14.87 -16.58
CA GLN A 384 -9.99 14.38 -17.88
C GLN A 384 -9.88 12.84 -17.84
N THR A 385 -10.12 12.24 -16.65
CA THR A 385 -10.05 10.80 -16.41
C THR A 385 -11.44 10.23 -16.17
N TRP A 386 -11.65 8.98 -16.62
CA TRP A 386 -12.88 8.23 -16.45
C TRP A 386 -12.51 6.97 -15.64
N MET A 387 -12.01 5.90 -16.30
CA MET A 387 -11.53 4.70 -15.62
C MET A 387 -10.02 4.87 -15.37
N ARG A 388 -9.49 4.16 -14.39
CA ARG A 388 -8.06 4.16 -14.06
C ARG A 388 -7.74 2.91 -13.27
N ASN A 389 -6.46 2.48 -13.26
CA ASN A 389 -6.08 1.34 -12.43
C ASN A 389 -5.54 1.87 -11.11
N TRP A 390 -5.54 1.02 -10.09
CA TRP A 390 -5.12 1.35 -8.74
C TRP A 390 -4.85 0.04 -7.99
N SER A 391 -4.36 0.14 -6.77
CA SER A 391 -4.08 -0.98 -5.88
C SER A 391 -4.32 -0.51 -4.46
N ASN A 392 -4.65 -1.45 -3.57
CA ASN A 392 -4.83 -1.12 -2.15
C ASN A 392 -4.09 -2.12 -1.32
N GLY A 393 -3.15 -1.61 -0.55
CA GLY A 393 -2.38 -2.42 0.39
C GLY A 393 -3.22 -2.59 1.63
N GLN A 394 -3.44 -3.84 2.06
CA GLN A 394 -4.26 -4.16 3.24
C GLN A 394 -3.33 -4.11 4.43
N TRP A 395 -3.27 -2.93 5.06
CA TRP A 395 -2.30 -2.58 6.09
C TRP A 395 -2.59 -2.79 7.59
N MET A 396 -3.69 -3.49 7.90
CA MET A 396 -4.07 -3.80 9.27
C MET A 396 -4.34 -5.28 9.41
N THR A 397 -4.24 -5.82 10.63
CA THR A 397 -4.61 -7.19 10.94
C THR A 397 -6.12 -7.14 11.24
N ASP A 398 -6.89 -6.49 10.34
CA ASP A 398 -8.31 -6.19 10.51
C ASP A 398 -8.87 -5.66 9.21
N ALA A 399 -10.19 -5.91 8.99
CA ALA A 399 -10.96 -5.53 7.80
C ALA A 399 -11.17 -4.02 7.63
N TYR A 400 -10.84 -3.22 8.66
CA TYR A 400 -10.96 -1.77 8.60
C TYR A 400 -10.23 -1.23 7.37
N ALA A 401 -8.96 -1.60 7.19
CA ALA A 401 -8.12 -1.21 6.06
C ALA A 401 -8.29 -2.27 4.94
N THR A 402 -8.60 -1.87 3.69
CA THR A 402 -8.76 -0.47 3.25
C THR A 402 -10.21 -0.03 2.97
N ILE A 403 -11.21 -0.89 3.24
CA ILE A 403 -12.60 -0.50 2.95
C ILE A 403 -13.02 0.85 3.57
N VAL A 404 -12.78 1.04 4.90
CA VAL A 404 -13.12 2.30 5.56
C VAL A 404 -12.19 3.50 5.15
N PRO A 405 -10.82 3.44 5.25
CA PRO A 405 -10.02 4.62 4.85
C PRO A 405 -10.17 5.03 3.38
N GLU A 406 -10.27 4.06 2.46
CA GLU A 406 -10.41 4.38 1.04
C GLU A 406 -11.83 4.61 0.53
N PHE A 407 -12.78 3.76 0.93
CA PHE A 407 -14.17 3.77 0.45
C PHE A 407 -15.19 4.26 1.48
N GLY A 408 -14.72 4.69 2.64
CA GLY A 408 -15.56 5.19 3.72
C GLY A 408 -16.14 6.58 3.51
N PRO A 409 -17.06 7.03 4.41
CA PRO A 409 -17.66 8.37 4.25
C PRO A 409 -16.69 9.56 4.23
N ASN A 410 -15.51 9.41 4.85
CA ASN A 410 -14.48 10.45 4.92
C ASN A 410 -13.26 10.13 4.03
N GLY A 411 -13.40 9.07 3.21
CA GLY A 411 -12.39 8.61 2.27
C GLY A 411 -12.44 9.34 0.95
N GLN A 412 -11.37 9.20 0.16
CA GLN A 412 -11.16 9.85 -1.14
C GLN A 412 -12.02 9.33 -2.29
N VAL A 413 -12.46 8.06 -2.25
CA VAL A 413 -13.32 7.49 -3.30
C VAL A 413 -14.69 8.18 -3.28
N GLN A 414 -15.21 8.45 -2.07
CA GLN A 414 -16.48 9.17 -1.94
C GLN A 414 -16.29 10.70 -2.07
N LYS A 415 -15.23 11.26 -1.47
CA LYS A 415 -15.04 12.73 -1.44
C LYS A 415 -14.43 13.34 -2.69
N ARG A 416 -13.30 12.78 -3.15
CA ARG A 416 -12.59 13.23 -4.33
C ARG A 416 -13.18 12.61 -5.58
N TRP A 417 -13.46 11.29 -5.55
CA TRP A 417 -13.92 10.59 -6.75
C TRP A 417 -15.42 10.48 -7.03
N GLY A 418 -16.26 11.10 -6.19
CA GLY A 418 -17.71 11.21 -6.38
C GLY A 418 -18.60 9.99 -6.19
N TRP A 419 -18.14 8.96 -5.45
CA TRP A 419 -19.00 7.81 -5.18
C TRP A 419 -20.08 8.20 -4.19
N LYS A 420 -21.34 8.11 -4.62
CA LYS A 420 -22.50 8.40 -3.78
C LYS A 420 -22.88 7.05 -3.15
N ALA A 421 -22.13 6.69 -2.08
CA ALA A 421 -22.34 5.43 -1.36
C ALA A 421 -23.70 5.43 -0.67
N PRO A 422 -24.43 4.27 -0.65
CA PRO A 422 -25.71 4.24 0.08
C PRO A 422 -25.51 4.58 1.57
N ALA A 423 -26.54 5.17 2.20
CA ALA A 423 -26.50 5.58 3.61
C ALA A 423 -26.08 4.43 4.52
N GLU A 424 -26.63 3.22 4.24
CA GLU A 424 -26.34 1.98 4.96
C GLU A 424 -24.85 1.69 5.01
N PHE A 425 -24.15 1.85 3.87
CA PHE A 425 -22.71 1.62 3.78
C PHE A 425 -21.95 2.51 4.78
N ASN A 426 -22.19 3.84 4.72
CA ASN A 426 -21.56 4.81 5.58
C ASN A 426 -21.87 4.61 7.07
N GLU A 427 -23.10 4.17 7.38
CA GLU A 427 -23.58 3.84 8.72
C GLU A 427 -22.77 2.66 9.31
N LEU A 428 -22.61 1.54 8.53
CA LEU A 428 -21.84 0.36 8.96
C LEU A 428 -20.35 0.69 9.12
N CYS A 429 -19.80 1.59 8.26
CA CYS A 429 -18.41 2.07 8.33
C CYS A 429 -18.19 2.71 9.70
N GLN A 430 -19.18 3.44 10.22
CA GLN A 430 -19.08 4.11 11.52
C GLN A 430 -19.10 3.10 12.67
N LYS A 431 -19.98 2.08 12.58
CA LYS A 431 -20.12 1.00 13.55
C LYS A 431 -18.85 0.15 13.64
N VAL A 432 -18.29 -0.28 12.50
CA VAL A 432 -17.07 -1.11 12.47
C VAL A 432 -15.83 -0.45 13.08
N THR A 433 -15.74 0.89 12.98
CA THR A 433 -14.63 1.69 13.51
C THR A 433 -14.62 1.65 15.05
N VAL A 434 -15.81 1.64 15.64
CA VAL A 434 -16.09 1.75 17.07
C VAL A 434 -16.36 0.44 17.83
N LEU A 435 -17.04 -0.53 17.18
CA LEU A 435 -17.39 -1.82 17.79
C LEU A 435 -16.18 -2.72 18.03
N PRO A 436 -16.18 -3.55 19.11
CA PRO A 436 -15.10 -4.53 19.25
C PRO A 436 -15.43 -5.74 18.33
N ASN A 437 -14.49 -6.70 18.19
CA ASN A 437 -14.77 -7.89 17.38
C ASN A 437 -15.92 -8.72 17.95
N GLY A 438 -16.74 -9.26 17.06
CA GLY A 438 -17.92 -10.04 17.42
C GLY A 438 -18.87 -10.18 16.26
N LYS A 439 -20.03 -10.84 16.50
CA LYS A 439 -21.10 -11.13 15.52
C LYS A 439 -21.58 -9.89 14.76
N GLU A 440 -21.91 -8.80 15.48
CA GLU A 440 -22.37 -7.55 14.89
C GLU A 440 -21.32 -6.95 13.92
N ARG A 441 -20.04 -6.87 14.37
CA ARG A 441 -18.95 -6.34 13.57
C ARG A 441 -18.67 -7.20 12.33
N PHE A 442 -18.60 -8.54 12.50
CA PHE A 442 -18.37 -9.50 11.42
C PHE A 442 -19.43 -9.37 10.33
N ASP A 443 -20.72 -9.35 10.73
CA ASP A 443 -21.86 -9.23 9.83
C ASP A 443 -21.90 -7.91 9.09
N ALA A 444 -21.55 -6.81 9.79
CA ALA A 444 -21.53 -5.46 9.22
C ALA A 444 -20.52 -5.39 8.06
N TYR A 445 -19.29 -5.92 8.27
CA TYR A 445 -18.25 -6.01 7.24
C TYR A 445 -18.73 -6.80 6.02
N ASN A 446 -19.48 -7.91 6.25
CA ASN A 446 -20.02 -8.73 5.17
C ASN A 446 -21.10 -8.00 4.36
N ARG A 447 -21.97 -7.20 5.03
CA ARG A 447 -22.98 -6.37 4.37
C ARG A 447 -22.30 -5.24 3.58
N MET A 448 -21.19 -4.67 4.12
CA MET A 448 -20.40 -3.64 3.42
C MET A 448 -19.81 -4.25 2.13
N ARG A 449 -19.28 -5.49 2.22
CA ARG A 449 -18.75 -6.25 1.07
C ARG A 449 -19.83 -6.49 0.00
N ASP A 450 -21.07 -6.80 0.43
CA ASP A 450 -22.20 -7.00 -0.48
C ASP A 450 -22.54 -5.68 -1.22
N ILE A 451 -22.63 -4.55 -0.48
CA ILE A 451 -22.91 -3.22 -1.05
C ILE A 451 -21.79 -2.85 -2.01
N PHE A 452 -20.51 -3.05 -1.61
CA PHE A 452 -19.35 -2.77 -2.46
C PHE A 452 -19.45 -3.44 -3.85
N GLU A 453 -19.81 -4.74 -3.89
CA GLU A 453 -19.98 -5.52 -5.11
C GLU A 453 -21.19 -5.08 -5.91
N GLU A 454 -22.31 -4.73 -5.24
CA GLU A 454 -23.54 -4.25 -5.88
C GLU A 454 -23.32 -2.86 -6.49
N GLU A 455 -22.55 -2.01 -5.79
CA GLU A 455 -22.28 -0.62 -6.19
C GLU A 455 -21.14 -0.49 -7.18
N ALA A 456 -20.16 -1.42 -7.11
CA ALA A 456 -18.95 -1.44 -7.95
C ALA A 456 -18.21 -0.06 -8.02
N PRO A 457 -17.87 0.61 -6.87
CA PRO A 457 -17.14 1.89 -6.95
C PRO A 457 -15.70 1.69 -7.45
N ALA A 458 -15.23 0.45 -7.33
CA ALA A 458 -13.98 -0.08 -7.83
C ALA A 458 -14.23 -1.56 -8.09
N VAL A 459 -13.39 -2.18 -8.90
CA VAL A 459 -13.55 -3.60 -9.20
C VAL A 459 -12.24 -4.28 -8.84
N ILE A 460 -12.28 -5.18 -7.84
CA ILE A 460 -11.11 -5.95 -7.41
C ILE A 460 -10.74 -6.95 -8.50
N LEU A 461 -9.45 -7.01 -8.88
CA LEU A 461 -8.99 -7.95 -9.91
C LEU A 461 -8.37 -9.19 -9.29
N TYR A 462 -7.29 -9.00 -8.51
CA TYR A 462 -6.55 -10.10 -7.90
C TYR A 462 -5.51 -9.59 -6.93
N GLN A 463 -4.95 -10.50 -6.14
CA GLN A 463 -3.84 -10.23 -5.26
C GLN A 463 -2.66 -10.55 -6.15
N PRO A 464 -1.80 -9.56 -6.48
CA PRO A 464 -0.68 -9.86 -7.37
C PRO A 464 0.38 -10.73 -6.70
N TYR A 465 1.01 -11.55 -7.51
CA TYR A 465 2.14 -12.34 -7.09
C TYR A 465 3.31 -11.38 -7.40
N ASP A 466 3.93 -10.83 -6.35
CA ASP A 466 5.00 -9.85 -6.51
C ASP A 466 6.25 -10.54 -6.94
N VAL A 467 6.75 -10.23 -8.16
CA VAL A 467 7.94 -10.90 -8.70
C VAL A 467 9.17 -9.99 -8.69
N TYR A 468 10.21 -10.43 -8.00
CA TYR A 468 11.52 -9.78 -7.96
C TYR A 468 12.52 -10.71 -8.62
N ALA A 469 13.66 -10.17 -9.05
CA ALA A 469 14.74 -10.97 -9.60
C ALA A 469 16.01 -10.45 -8.96
N ALA A 470 16.95 -11.35 -8.67
CA ALA A 470 18.18 -10.94 -8.00
C ALA A 470 19.36 -11.78 -8.36
N ARG A 471 20.55 -11.22 -8.15
CA ARG A 471 21.83 -11.91 -8.27
C ARG A 471 21.83 -12.96 -7.14
N LYS A 472 22.21 -14.22 -7.44
CA LYS A 472 22.23 -15.29 -6.43
C LYS A 472 23.12 -14.98 -5.22
N ASP A 473 24.19 -14.15 -5.43
CA ASP A 473 25.13 -13.71 -4.40
C ASP A 473 24.59 -12.56 -3.53
N VAL A 474 23.32 -12.14 -3.77
CA VAL A 474 22.62 -11.10 -3.00
C VAL A 474 21.49 -11.83 -2.28
N HIS A 475 21.71 -12.19 -1.02
CA HIS A 475 20.77 -12.98 -0.21
C HIS A 475 19.73 -12.11 0.46
N TRP A 476 18.56 -12.03 -0.16
CA TRP A 476 17.44 -11.24 0.33
C TRP A 476 16.16 -11.97 0.02
N LYS A 477 15.22 -12.01 0.97
CA LYS A 477 13.96 -12.71 0.74
C LYS A 477 12.73 -11.80 0.77
N PRO A 478 11.82 -11.91 -0.23
CA PRO A 478 10.63 -11.04 -0.23
C PRO A 478 9.70 -11.23 0.97
N VAL A 479 8.88 -10.20 1.25
CA VAL A 479 7.89 -10.23 2.34
C VAL A 479 6.47 -10.17 1.75
N SER A 480 5.45 -10.66 2.50
CA SER A 480 4.05 -10.67 2.01
C SER A 480 3.34 -9.28 2.02
N PHE A 481 4.12 -8.21 1.81
CA PHE A 481 3.62 -6.83 1.77
C PHE A 481 4.40 -6.05 0.72
N GLU A 482 3.82 -4.93 0.23
CA GLU A 482 4.41 -4.04 -0.80
C GLU A 482 5.59 -3.16 -0.28
N MET A 483 6.62 -3.82 0.23
CA MET A 483 7.84 -3.19 0.72
C MET A 483 8.99 -4.19 0.66
N MET A 484 10.21 -3.71 0.86
CA MET A 484 11.40 -4.56 0.91
C MET A 484 11.96 -4.46 2.31
N GLU A 485 12.25 -5.63 2.92
CA GLU A 485 12.82 -5.70 4.25
C GLU A 485 14.28 -6.16 4.19
N PHE A 486 15.18 -5.38 4.80
CA PHE A 486 16.62 -5.69 4.81
C PHE A 486 17.15 -6.05 6.19
N ARG A 487 16.40 -5.73 7.27
CA ARG A 487 16.77 -6.05 8.65
C ARG A 487 16.80 -7.57 8.81
N ASN A 488 18.00 -8.12 9.12
CA ASN A 488 18.31 -9.56 9.23
C ASN A 488 17.86 -10.32 7.96
N ASN A 489 17.83 -9.63 6.79
CA ASN A 489 17.36 -10.18 5.53
C ASN A 489 18.11 -9.59 4.30
N LEU A 490 19.44 -9.41 4.45
CA LEU A 490 20.32 -8.90 3.40
C LEU A 490 21.77 -9.23 3.74
N SER A 491 22.47 -9.93 2.83
CA SER A 491 23.87 -10.33 2.94
C SER A 491 24.46 -10.61 1.55
N PHE A 492 25.80 -10.67 1.45
CA PHE A 492 26.48 -10.89 0.17
C PHE A 492 27.48 -12.05 0.22
N GLY A 493 27.29 -13.01 -0.68
CA GLY A 493 28.15 -14.20 -0.82
C GLY A 493 27.99 -15.21 0.31
#